data_6Z3J
#
_entry.id   6Z3J
#
_cell.length_a   36.480
_cell.length_b   127.750
_cell.length_c   39.910
_cell.angle_alpha   90.00
_cell.angle_beta   99.32
_cell.angle_gamma   90.00
#
_symmetry.space_group_name_H-M   'P 1 21 1'
#
loop_
_entity.id
_entity.type
_entity.pdbx_description
1 polymer 'Growth/differentiation factor 5'
2 polymer 'RGM domain family member B'
3 non-polymer 'SULFATE ION'
4 non-polymer GLYCEROL
5 non-polymer 1,2-ETHANEDIOL
6 non-polymer 'CHLORIDE ION'
7 non-polymer 2-acetamido-2-deoxy-beta-D-glucopyranose
8 water water
#
loop_
_entity_poly.entity_id
_entity_poly.type
_entity_poly.pdbx_seq_one_letter_code
_entity_poly.pdbx_strand_id
1 'polypeptide(L)'
;MKRQGKRPSKNLKARCSRKALHVNFKDMGWDDWIIAPLEYEAFHCEGLCEFPLRSHLEPTNHAVIQTLMNSMDPESTPPT
CCVPTRLSPISILFIDSANNVVKKDYEDMVVESCGCR
;
A,B
2 'polypeptide(L)'
;ETGQCRIQKCTTDFVSLTSHLNSAVDGFDSEFCKALRAYAGCTQRTSKACRGNLVYHSAVLGISDLMSQRNCSKDGPTSS
TNPEVTHGTKHHHHHH
;
C,D
#
# COMPACT_ATOMS: atom_id res chain seq x y z
N LYS A 13 15.54 -2.80 7.80
CA LYS A 13 14.50 -2.69 8.81
C LYS A 13 13.98 -1.26 8.89
N ALA A 14 14.09 -0.53 7.79
CA ALA A 14 13.70 0.87 7.77
C ALA A 14 12.18 1.02 7.86
N ARG A 15 11.75 2.13 8.45
CA ARG A 15 10.32 2.40 8.56
C ARG A 15 9.86 3.18 7.34
N CYS A 16 8.56 3.13 7.09
CA CYS A 16 7.93 3.71 5.92
C CYS A 16 8.47 5.10 5.62
N SER A 17 9.07 5.26 4.44
CA SER A 17 9.70 6.51 4.06
C SER A 17 9.56 6.70 2.56
N ARG A 18 9.70 7.95 2.13
CA ARG A 18 9.82 8.26 0.71
C ARG A 18 11.28 8.15 0.29
N LYS A 19 11.54 7.32 -0.70
CA LYS A 19 12.89 7.04 -1.16
C LYS A 19 13.05 7.50 -2.59
N ALA A 20 14.29 7.66 -3.01
CA ALA A 20 14.55 8.13 -4.36
C ALA A 20 14.14 7.08 -5.39
N LEU A 21 13.63 7.56 -6.52
CA LEU A 21 13.38 6.69 -7.66
C LEU A 21 13.48 7.56 -8.90
N HIS A 22 14.55 7.38 -9.66
CA HIS A 22 14.81 8.18 -10.84
C HIS A 22 14.27 7.45 -12.06
N VAL A 23 13.44 8.13 -12.84
CA VAL A 23 12.87 7.57 -14.06
C VAL A 23 13.55 8.23 -15.25
N ASN A 24 14.14 7.43 -16.12
CA ASN A 24 14.85 7.96 -17.28
C ASN A 24 14.12 7.48 -18.53
N PHE A 25 13.32 8.37 -19.12
CA PHE A 25 12.54 8.02 -20.30
C PHE A 25 13.44 7.64 -21.48
N LYS A 26 14.61 8.26 -21.58
CA LYS A 26 15.50 7.94 -22.69
C LYS A 26 16.06 6.54 -22.55
N ASP A 27 16.43 6.15 -21.32
CA ASP A 27 16.87 4.77 -21.08
C ASP A 27 15.78 3.76 -21.43
N MET A 28 14.52 4.15 -21.26
CA MET A 28 13.40 3.29 -21.62
C MET A 28 13.07 3.34 -23.10
N GLY A 29 13.72 4.22 -23.86
CA GLY A 29 13.43 4.35 -25.27
C GLY A 29 12.19 5.14 -25.59
N TRP A 30 11.65 5.87 -24.62
CA TRP A 30 10.44 6.63 -24.83
C TRP A 30 10.70 8.00 -25.43
N ASP A 31 11.98 8.33 -25.70
CA ASP A 31 12.28 9.57 -26.38
C ASP A 31 11.93 9.54 -27.87
N ASP A 32 11.35 8.45 -28.39
CA ASP A 32 10.77 8.59 -29.72
C ASP A 32 9.39 9.23 -29.69
N TRP A 33 8.77 9.39 -28.51
CA TRP A 33 7.50 10.10 -28.46
C TRP A 33 7.48 11.18 -27.38
N ILE A 34 8.26 11.04 -26.31
CA ILE A 34 8.37 12.09 -25.31
C ILE A 34 9.44 13.09 -25.74
N ILE A 35 9.06 14.36 -25.75
CA ILE A 35 10.00 15.44 -26.04
C ILE A 35 10.72 15.88 -24.76
N ALA A 36 9.96 16.11 -23.69
CA ALA A 36 10.54 16.62 -22.45
C ALA A 36 9.53 16.38 -21.35
N PRO A 37 9.97 16.20 -20.10
CA PRO A 37 11.36 15.97 -19.70
C PRO A 37 11.74 14.56 -20.10
N LEU A 38 13.03 14.28 -20.30
CA LEU A 38 13.42 12.90 -20.59
C LEU A 38 13.83 12.15 -19.33
N GLU A 39 13.75 12.80 -18.17
CA GLU A 39 13.92 12.09 -16.91
C GLU A 39 13.23 12.88 -15.83
N TYR A 40 12.89 12.20 -14.75
CA TYR A 40 12.29 12.89 -13.62
C TYR A 40 12.43 12.02 -12.40
N GLU A 41 12.25 12.64 -11.24
CA GLU A 41 12.33 11.96 -9.96
C GLU A 41 10.92 11.56 -9.55
N ALA A 42 10.64 10.26 -9.56
CA ALA A 42 9.31 9.77 -9.23
C ALA A 42 9.17 9.47 -7.76
N PHE A 43 10.27 9.12 -7.10
CA PHE A 43 10.30 8.62 -5.74
C PHE A 43 9.54 7.29 -5.63
N HIS A 44 9.70 6.63 -4.50
CA HIS A 44 8.87 5.48 -4.19
C HIS A 44 8.79 5.38 -2.68
N CYS A 45 7.82 4.61 -2.22
CA CYS A 45 7.59 4.40 -0.80
C CYS A 45 8.08 3.02 -0.42
N GLU A 46 8.70 2.91 0.75
CA GLU A 46 9.19 1.62 1.21
C GLU A 46 9.47 1.69 2.69
N GLY A 47 9.18 0.60 3.39
CA GLY A 47 9.56 0.54 4.77
C GLY A 47 8.45 0.01 5.65
N LEU A 48 8.80 -0.32 6.89
CA LEU A 48 7.85 -0.97 7.78
C LEU A 48 6.76 -0.01 8.24
N CYS A 49 5.55 -0.54 8.31
CA CYS A 49 4.42 0.13 8.93
C CYS A 49 4.18 -0.57 10.27
N GLU A 50 4.67 0.03 11.34
CA GLU A 50 4.63 -0.61 12.65
C GLU A 50 3.72 0.17 13.57
N PHE A 51 3.05 -0.55 14.46
CA PHE A 51 2.33 0.09 15.54
C PHE A 51 3.31 0.81 16.45
N PRO A 52 3.03 2.06 16.85
CA PRO A 52 1.93 2.94 16.48
C PRO A 52 2.29 3.73 15.25
N LEU A 53 1.33 3.98 14.38
CA LEU A 53 1.58 4.74 13.18
C LEU A 53 1.65 6.22 13.50
N ARG A 54 2.76 6.85 13.18
CA ARG A 54 2.87 8.28 13.39
C ARG A 54 1.87 9.02 12.50
N SER A 55 1.45 10.20 12.96
CA SER A 55 0.37 10.94 12.31
C SER A 55 0.64 11.17 10.82
N HIS A 56 1.90 11.45 10.46
CA HIS A 56 2.24 11.77 9.08
C HIS A 56 2.13 10.58 8.15
N LEU A 57 1.95 9.37 8.67
CA LEU A 57 1.66 8.24 7.80
C LEU A 57 0.18 8.19 7.43
N GLU A 58 -0.62 9.05 8.05
CA GLU A 58 -2.00 9.29 7.66
C GLU A 58 -2.79 8.00 7.37
N PRO A 59 -2.84 7.07 8.33
CA PRO A 59 -3.61 5.86 8.10
C PRO A 59 -5.09 6.15 7.99
N THR A 60 -5.75 5.38 7.15
CA THR A 60 -7.20 5.28 7.22
C THR A 60 -7.60 4.64 8.55
N ASN A 61 -8.86 4.80 8.93
CA ASN A 61 -9.40 4.02 10.04
C ASN A 61 -9.07 2.54 9.85
N HIS A 62 -9.27 2.03 8.64
CA HIS A 62 -8.99 0.63 8.39
C HIS A 62 -7.53 0.30 8.69
N ALA A 63 -6.60 1.14 8.23
CA ALA A 63 -5.19 0.88 8.49
C ALA A 63 -4.88 0.93 9.98
N VAL A 64 -5.51 1.86 10.70
CA VAL A 64 -5.34 1.91 12.14
C VAL A 64 -5.72 0.57 12.77
N ILE A 65 -6.88 0.05 12.40
CA ILE A 65 -7.33 -1.22 12.97
C ILE A 65 -6.43 -2.36 12.51
N GLN A 66 -6.05 -2.38 11.23
CA GLN A 66 -5.24 -3.48 10.75
C GLN A 66 -3.86 -3.50 11.41
N THR A 67 -3.23 -2.33 11.53
CA THR A 67 -1.95 -2.28 12.21
C THR A 67 -2.07 -2.77 13.65
N LEU A 68 -3.15 -2.37 14.33
CA LEU A 68 -3.39 -2.84 15.69
C LEU A 68 -3.51 -4.36 15.72
N MET A 69 -4.32 -4.92 14.84
CA MET A 69 -4.54 -6.37 14.87
C MET A 69 -3.27 -7.12 14.53
N ASN A 70 -2.51 -6.63 13.56
CA ASN A 70 -1.25 -7.30 13.22
C ASN A 70 -0.25 -7.18 14.36
N SER A 71 -0.29 -6.06 15.10
CA SER A 71 0.57 -5.95 16.28
C SER A 71 0.20 -7.01 17.32
N MET A 72 -1.10 -7.18 17.58
CA MET A 72 -1.54 -8.10 18.63
C MET A 72 -1.39 -9.56 18.21
N ASP A 73 -1.55 -9.85 16.93
CA ASP A 73 -1.45 -11.22 16.43
C ASP A 73 -1.04 -11.14 14.96
N PRO A 74 0.26 -11.24 14.67
CA PRO A 74 0.70 -11.17 13.26
C PRO A 74 0.08 -12.24 12.37
N GLU A 75 -0.46 -13.33 12.93
N GLU A 75 -0.48 -13.31 12.95
CA GLU A 75 -1.14 -14.32 12.12
CA GLU A 75 -1.15 -14.36 12.18
C GLU A 75 -2.53 -13.88 11.68
C GLU A 75 -2.59 -14.04 11.86
N SER A 76 -3.15 -12.95 12.40
CA SER A 76 -4.53 -12.58 12.09
C SER A 76 -4.62 -11.72 10.84
N THR A 77 -3.61 -10.89 10.59
CA THR A 77 -3.59 -10.07 9.39
C THR A 77 -2.16 -9.61 9.17
N PRO A 78 -1.75 -9.37 7.94
CA PRO A 78 -0.44 -8.79 7.69
C PRO A 78 -0.40 -7.35 8.14
N PRO A 79 0.79 -6.75 8.20
CA PRO A 79 0.86 -5.32 8.51
C PRO A 79 0.29 -4.52 7.37
N THR A 80 0.00 -3.25 7.66
CA THR A 80 -0.33 -2.30 6.61
C THR A 80 0.91 -2.03 5.76
N CYS A 81 0.71 -1.36 4.64
CA CYS A 81 1.77 -1.23 3.64
C CYS A 81 2.11 0.22 3.37
N CYS A 82 3.41 0.47 3.21
CA CYS A 82 3.93 1.78 2.88
C CYS A 82 3.71 2.09 1.40
N VAL A 83 2.86 3.07 1.12
CA VAL A 83 2.47 3.39 -0.26
C VAL A 83 2.32 4.90 -0.39
N PRO A 84 2.33 5.41 -1.63
CA PRO A 84 2.14 6.85 -1.81
C PRO A 84 0.75 7.26 -1.34
N THR A 85 0.70 8.28 -0.49
CA THR A 85 -0.57 8.83 -0.04
C THR A 85 -0.89 10.16 -0.67
N ARG A 86 0.12 10.84 -1.20
CA ARG A 86 -0.06 12.06 -1.98
C ARG A 86 0.88 11.98 -3.15
N LEU A 87 0.38 12.31 -4.33
CA LEU A 87 1.21 12.34 -5.53
C LEU A 87 0.93 13.64 -6.27
N SER A 88 1.85 14.00 -7.13
CA SER A 88 1.73 15.21 -7.92
C SER A 88 1.98 14.88 -9.38
N PRO A 89 1.49 15.70 -10.29
CA PRO A 89 1.69 15.43 -11.71
C PRO A 89 3.03 15.96 -12.17
N ILE A 90 3.42 15.52 -13.38
CA ILE A 90 4.44 16.23 -14.14
C ILE A 90 3.87 16.55 -15.50
N SER A 91 4.34 17.66 -16.06
CA SER A 91 3.98 18.06 -17.40
C SER A 91 4.91 17.36 -18.38
N ILE A 92 4.32 16.66 -19.35
CA ILE A 92 5.08 15.96 -20.37
C ILE A 92 4.75 16.57 -21.72
N LEU A 93 5.78 16.91 -22.48
CA LEU A 93 5.65 17.39 -23.84
C LEU A 93 5.94 16.20 -24.73
N PHE A 94 4.99 15.86 -25.60
CA PHE A 94 5.13 14.65 -26.39
C PHE A 94 4.38 14.82 -27.69
N ILE A 95 4.55 13.85 -28.58
CA ILE A 95 3.80 13.83 -29.83
C ILE A 95 2.75 12.73 -29.73
N ASP A 96 1.52 13.07 -30.08
CA ASP A 96 0.41 12.15 -29.89
C ASP A 96 0.20 11.35 -31.17
N SER A 97 -0.94 10.68 -31.27
CA SER A 97 -1.19 9.81 -32.41
C SER A 97 -1.16 10.57 -33.72
N ALA A 98 -1.72 11.79 -33.74
CA ALA A 98 -1.84 12.58 -34.95
C ALA A 98 -0.63 13.46 -35.21
N ASN A 99 0.54 13.11 -34.67
CA ASN A 99 1.77 13.89 -34.81
C ASN A 99 1.59 15.32 -34.31
N ASN A 100 0.70 15.52 -33.35
CA ASN A 100 0.55 16.81 -32.70
C ASN A 100 1.50 16.87 -31.49
N VAL A 101 2.22 17.98 -31.36
CA VAL A 101 2.96 18.24 -30.13
C VAL A 101 1.96 18.60 -29.05
N VAL A 102 1.94 17.82 -27.99
CA VAL A 102 0.98 17.98 -26.91
C VAL A 102 1.75 18.18 -25.61
N LYS A 103 1.27 19.10 -24.77
CA LYS A 103 1.78 19.27 -23.43
C LYS A 103 0.66 18.94 -22.46
N LYS A 104 0.89 17.92 -21.64
CA LYS A 104 -0.18 17.36 -20.82
C LYS A 104 0.36 17.08 -19.42
N ASP A 105 -0.45 17.41 -18.42
CA ASP A 105 -0.17 16.99 -17.05
C ASP A 105 -0.51 15.51 -16.91
N TYR A 106 0.49 14.69 -16.63
CA TYR A 106 0.27 13.29 -16.26
C TYR A 106 0.11 13.25 -14.75
N GLU A 107 -1.10 12.94 -14.30
CA GLU A 107 -1.40 12.94 -12.88
C GLU A 107 -0.68 11.80 -12.18
N ASP A 108 -0.41 11.99 -10.88
CA ASP A 108 0.05 10.92 -10.00
C ASP A 108 1.37 10.32 -10.46
N MET A 109 2.33 11.19 -10.80
CA MET A 109 3.62 10.71 -11.29
C MET A 109 4.73 10.78 -10.25
N VAL A 110 4.57 11.62 -9.23
CA VAL A 110 5.63 11.91 -8.28
C VAL A 110 5.07 11.70 -6.89
N VAL A 111 5.71 10.84 -6.10
CA VAL A 111 5.30 10.65 -4.72
C VAL A 111 5.64 11.91 -3.93
N GLU A 112 4.64 12.50 -3.30
CA GLU A 112 4.85 13.61 -2.38
C GLU A 112 4.87 13.16 -0.93
N SER A 113 4.06 12.16 -0.56
CA SER A 113 4.12 11.64 0.79
C SER A 113 3.85 10.15 0.76
N CYS A 114 4.43 9.45 1.72
CA CYS A 114 4.19 8.03 1.91
C CYS A 114 3.41 7.82 3.20
N GLY A 115 2.65 6.74 3.23
CA GLY A 115 1.92 6.44 4.44
C GLY A 115 1.52 4.98 4.45
N CYS A 116 0.83 4.60 5.50
CA CYS A 116 0.55 3.20 5.76
C CYS A 116 -0.93 2.96 5.51
N ARG A 117 -1.23 2.05 4.59
CA ARG A 117 -2.61 1.84 4.16
C ARG A 117 -2.95 0.37 4.15
N LEU B 12 1.98 -20.65 -0.60
CA LEU B 12 2.01 -20.16 -1.96
C LEU B 12 1.78 -18.66 -2.01
N LYS B 13 2.21 -18.01 -3.09
CA LYS B 13 2.21 -16.54 -3.18
C LYS B 13 1.07 -16.10 -4.09
N ALA B 14 -0.05 -15.72 -3.46
CA ALA B 14 -1.23 -15.28 -4.20
C ALA B 14 -1.04 -13.87 -4.74
N ARG B 15 -1.82 -13.54 -5.77
CA ARG B 15 -1.80 -12.19 -6.28
C ARG B 15 -2.71 -11.29 -5.45
N CYS B 16 -2.47 -9.99 -5.54
CA CYS B 16 -3.21 -8.98 -4.79
C CYS B 16 -4.71 -9.26 -4.82
N SER B 17 -5.28 -9.48 -3.63
CA SER B 17 -6.66 -9.89 -3.51
C SER B 17 -7.22 -9.33 -2.23
N ARG B 18 -8.54 -9.20 -2.17
CA ARG B 18 -9.21 -8.88 -0.93
C ARG B 18 -9.46 -10.15 -0.15
N LYS B 19 -9.05 -10.15 1.10
CA LYS B 19 -9.19 -11.30 1.98
C LYS B 19 -10.03 -10.92 3.18
N ALA B 20 -10.52 -11.95 3.88
CA ALA B 20 -11.35 -11.73 5.04
C ALA B 20 -10.56 -11.12 6.19
N LEU B 21 -11.20 -10.25 6.94
CA LEU B 21 -10.65 -9.77 8.19
C LEU B 21 -11.83 -9.40 9.06
N HIS B 22 -12.07 -10.22 10.07
CA HIS B 22 -13.17 -10.02 11.00
C HIS B 22 -12.68 -9.19 12.18
N VAL B 23 -13.40 -8.13 12.49
CA VAL B 23 -13.08 -7.26 13.63
C VAL B 23 -14.13 -7.48 14.69
N ASN B 24 -13.72 -7.90 15.88
CA ASN B 24 -14.63 -8.12 16.99
C ASN B 24 -14.34 -7.09 18.06
N PHE B 25 -15.17 -6.04 18.12
CA PHE B 25 -14.97 -4.97 19.09
C PHE B 25 -15.13 -5.44 20.51
N LYS B 26 -15.98 -6.46 20.74
CA LYS B 26 -16.12 -6.96 22.10
C LYS B 26 -14.84 -7.65 22.56
N ASP B 27 -14.22 -8.44 21.68
CA ASP B 27 -12.94 -9.07 22.02
C ASP B 27 -11.86 -8.05 22.33
N MET B 28 -11.93 -6.87 21.71
CA MET B 28 -10.97 -5.81 21.97
C MET B 28 -11.28 -4.99 23.21
N GLY B 29 -12.39 -5.28 23.89
CA GLY B 29 -12.80 -4.50 25.04
C GLY B 29 -13.46 -3.18 24.72
N TRP B 30 -13.73 -2.90 23.45
CA TRP B 30 -14.29 -1.62 23.04
C TRP B 30 -15.79 -1.54 23.24
N ASP B 31 -16.42 -2.62 23.68
CA ASP B 31 -17.84 -2.51 24.02
C ASP B 31 -18.09 -1.64 25.24
N ASP B 32 -17.06 -1.13 25.93
CA ASP B 32 -17.36 -0.17 26.96
C ASP B 32 -17.67 1.22 26.39
N TRP B 33 -17.40 1.47 25.11
CA TRP B 33 -17.85 2.72 24.52
C TRP B 33 -18.65 2.49 23.23
N ILE B 34 -18.35 1.44 22.47
CA ILE B 34 -19.17 1.12 21.31
C ILE B 34 -20.41 0.39 21.77
N ILE B 35 -21.57 0.85 21.31
CA ILE B 35 -22.82 0.15 21.53
C ILE B 35 -23.10 -0.87 20.42
N ALA B 36 -22.97 -0.44 19.16
CA ALA B 36 -23.25 -1.31 18.03
C ALA B 36 -22.54 -0.73 16.80
N PRO B 37 -22.10 -1.57 15.85
CA PRO B 37 -22.08 -3.04 15.92
C PRO B 37 -20.94 -3.46 16.83
N LEU B 38 -20.97 -4.65 17.40
CA LEU B 38 -19.84 -5.11 18.19
C LEU B 38 -18.86 -5.93 17.37
N GLU B 39 -19.16 -6.14 16.09
CA GLU B 39 -18.23 -6.78 15.20
C GLU B 39 -18.58 -6.39 13.78
N TYR B 40 -17.58 -6.44 12.90
CA TYR B 40 -17.88 -6.21 11.51
C TYR B 40 -16.79 -6.84 10.66
N GLU B 41 -17.07 -6.94 9.37
CA GLU B 41 -16.11 -7.49 8.40
C GLU B 41 -15.34 -6.35 7.77
N ALA B 42 -14.04 -6.25 8.07
CA ALA B 42 -13.23 -5.18 7.56
C ALA B 42 -12.51 -5.54 6.27
N PHE B 43 -12.24 -6.84 6.10
CA PHE B 43 -11.38 -7.34 5.02
C PHE B 43 -9.97 -6.77 5.12
N HIS B 44 -9.06 -7.34 4.34
CA HIS B 44 -7.75 -6.73 4.19
C HIS B 44 -7.26 -7.10 2.81
N CYS B 45 -6.20 -6.42 2.40
CA CYS B 45 -5.61 -6.64 1.10
C CYS B 45 -4.30 -7.39 1.27
N GLU B 46 -3.99 -8.26 0.32
CA GLU B 46 -2.75 -9.03 0.45
C GLU B 46 -2.48 -9.70 -0.88
N GLY B 47 -1.20 -9.76 -1.25
CA GLY B 47 -0.79 -10.53 -2.41
C GLY B 47 0.11 -9.73 -3.32
N LEU B 48 0.63 -10.44 -4.32
CA LEU B 48 1.64 -9.89 -5.21
C LEU B 48 1.06 -8.86 -6.16
N CYS B 49 1.84 -7.82 -6.42
CA CYS B 49 1.58 -6.83 -7.43
C CYS B 49 2.60 -7.04 -8.54
N GLU B 50 2.20 -7.77 -9.57
CA GLU B 50 3.14 -8.16 -10.61
C GLU B 50 2.78 -7.50 -11.93
N PHE B 51 3.80 -7.28 -12.75
CA PHE B 51 3.59 -6.81 -14.11
C PHE B 51 2.88 -7.90 -14.91
N PRO B 52 1.84 -7.56 -15.67
CA PRO B 52 1.18 -6.27 -15.74
C PRO B 52 0.12 -6.15 -14.67
N LEU B 53 -0.16 -4.94 -14.22
CA LEU B 53 -1.25 -4.76 -13.29
C LEU B 53 -2.56 -4.94 -14.04
N ARG B 54 -3.40 -5.85 -13.56
CA ARG B 54 -4.71 -6.01 -14.18
C ARG B 54 -5.53 -4.74 -13.94
N SER B 55 -6.41 -4.43 -14.90
CA SER B 55 -7.12 -3.15 -14.88
C SER B 55 -7.83 -2.91 -13.55
N HIS B 56 -8.36 -3.96 -12.94
CA HIS B 56 -9.11 -3.76 -11.70
C HIS B 56 -8.21 -3.45 -10.51
N LEU B 57 -6.90 -3.66 -10.62
CA LEU B 57 -6.00 -3.14 -9.59
C LEU B 57 -5.87 -1.63 -9.64
N GLU B 58 -6.42 -1.00 -10.68
CA GLU B 58 -6.50 0.44 -10.91
C GLU B 58 -5.27 1.17 -10.39
N PRO B 59 -4.15 1.05 -11.08
CA PRO B 59 -2.94 1.70 -10.61
C PRO B 59 -2.93 3.18 -10.95
N THR B 60 -2.27 3.95 -10.08
CA THR B 60 -1.82 5.27 -10.45
C THR B 60 -0.80 5.17 -11.57
N ASN B 61 -0.61 6.27 -12.30
CA ASN B 61 0.53 6.34 -13.22
C ASN B 61 1.82 5.95 -12.51
N HIS B 62 2.00 6.44 -11.28
CA HIS B 62 3.21 6.11 -10.55
C HIS B 62 3.36 4.61 -10.37
N ALA B 63 2.28 3.93 -9.96
CA ALA B 63 2.34 2.49 -9.78
C ALA B 63 2.59 1.77 -11.10
N VAL B 64 2.06 2.28 -12.20
CA VAL B 64 2.35 1.69 -13.51
C VAL B 64 3.85 1.73 -13.78
N ILE B 65 4.45 2.88 -13.54
CA ILE B 65 5.88 3.03 -13.81
C ILE B 65 6.71 2.21 -12.83
N GLN B 66 6.34 2.24 -11.55
CA GLN B 66 7.12 1.48 -10.56
C GLN B 66 7.05 -0.01 -10.82
N THR B 67 5.85 -0.51 -11.12
CA THR B 67 5.71 -1.94 -11.46
C THR B 67 6.55 -2.30 -12.68
N LEU B 68 6.53 -1.43 -13.69
CA LEU B 68 7.42 -1.63 -14.84
C LEU B 68 8.88 -1.69 -14.40
N MET B 69 9.31 -0.71 -13.63
CA MET B 69 10.72 -0.67 -13.28
C MET B 69 11.11 -1.85 -12.40
N ASN B 70 10.22 -2.27 -11.49
CA ASN B 70 10.53 -3.41 -10.67
C ASN B 70 10.58 -4.69 -11.50
N SER B 71 9.75 -4.76 -12.53
CA SER B 71 9.80 -5.92 -13.42
C SER B 71 11.12 -5.96 -14.17
N MET B 72 11.59 -4.81 -14.65
CA MET B 72 12.83 -4.77 -15.44
C MET B 72 14.06 -4.93 -14.56
N ASP B 73 13.99 -4.48 -13.31
CA ASP B 73 15.15 -4.45 -12.43
C ASP B 73 14.64 -4.47 -11.01
N PRO B 74 14.37 -5.66 -10.47
CA PRO B 74 13.81 -5.72 -9.11
C PRO B 74 14.69 -5.10 -8.04
N GLU B 75 15.97 -4.84 -8.34
CA GLU B 75 16.85 -4.15 -7.40
C GLU B 75 16.76 -2.63 -7.48
N SER B 76 16.30 -2.08 -8.60
CA SER B 76 16.17 -0.63 -8.71
C SER B 76 14.96 -0.12 -7.94
N THR B 77 13.86 -0.86 -7.95
CA THR B 77 12.76 -0.46 -7.11
C THR B 77 12.00 -1.69 -6.65
N PRO B 78 11.45 -1.65 -5.44
CA PRO B 78 10.58 -2.70 -4.96
C PRO B 78 9.29 -2.74 -5.76
N PRO B 79 8.53 -3.82 -5.64
CA PRO B 79 7.23 -3.88 -6.31
C PRO B 79 6.26 -2.89 -5.68
N THR B 80 5.19 -2.61 -6.40
CA THR B 80 4.10 -1.88 -5.78
C THR B 80 3.43 -2.79 -4.75
N CYS B 81 2.54 -2.22 -3.96
CA CYS B 81 1.97 -2.92 -2.81
C CYS B 81 0.46 -3.02 -2.92
N CYS B 82 -0.05 -4.16 -2.49
CA CYS B 82 -1.47 -4.46 -2.53
C CYS B 82 -2.13 -3.81 -1.33
N VAL B 83 -2.96 -2.81 -1.56
CA VAL B 83 -3.56 -1.99 -0.49
C VAL B 83 -4.98 -1.69 -0.87
N PRO B 84 -5.79 -1.25 0.10
CA PRO B 84 -7.18 -0.89 -0.22
C PRO B 84 -7.19 0.33 -1.13
N THR B 85 -7.97 0.22 -2.21
CA THR B 85 -8.14 1.31 -3.15
C THR B 85 -9.52 1.93 -3.10
N ARG B 86 -10.50 1.22 -2.53
CA ARG B 86 -11.81 1.77 -2.24
C ARG B 86 -12.24 1.19 -0.90
N LEU B 87 -12.75 2.06 -0.04
CA LEU B 87 -13.23 1.62 1.25
C LEU B 87 -14.59 2.22 1.49
N SER B 88 -15.34 1.63 2.38
CA SER B 88 -16.67 2.12 2.69
C SER B 88 -16.77 2.34 4.18
N PRO B 89 -17.69 3.18 4.63
CA PRO B 89 -17.82 3.46 6.05
C PRO B 89 -18.67 2.39 6.72
N ILE B 90 -18.64 2.41 8.05
CA ILE B 90 -19.69 1.74 8.81
C ILE B 90 -20.22 2.74 9.82
N SER B 91 -21.49 2.60 10.13
CA SER B 91 -22.15 3.43 11.12
C SER B 91 -21.90 2.83 12.49
N ILE B 92 -21.39 3.63 13.42
CA ILE B 92 -21.12 3.17 14.77
C ILE B 92 -21.97 3.96 15.73
N LEU B 93 -22.68 3.23 16.59
CA LEU B 93 -23.41 3.79 17.71
C LEU B 93 -22.51 3.67 18.92
N PHE B 94 -22.21 4.78 19.58
CA PHE B 94 -21.26 4.73 20.66
C PHE B 94 -21.59 5.81 21.68
N ILE B 95 -20.92 5.71 22.83
CA ILE B 95 -21.08 6.67 23.91
C ILE B 95 -19.96 7.69 23.76
N ASP B 96 -20.32 8.95 23.55
CA ASP B 96 -19.32 9.94 23.21
C ASP B 96 -18.69 10.54 24.46
N SER B 97 -17.80 11.52 24.24
CA SER B 97 -17.06 12.13 25.34
C SER B 97 -17.97 12.88 26.31
N ALA B 98 -19.15 13.29 25.87
CA ALA B 98 -20.13 13.91 26.75
C ALA B 98 -21.07 12.89 27.39
N ASN B 99 -20.78 11.60 27.23
CA ASN B 99 -21.56 10.50 27.79
C ASN B 99 -22.93 10.37 27.14
N ASN B 100 -23.06 10.78 25.88
CA ASN B 100 -24.32 10.69 25.15
C ASN B 100 -24.21 9.64 24.06
N VAL B 101 -25.36 9.05 23.72
CA VAL B 101 -25.39 8.14 22.58
C VAL B 101 -25.24 8.93 21.30
N VAL B 102 -24.29 8.53 20.47
CA VAL B 102 -24.01 9.19 19.20
C VAL B 102 -23.96 8.11 18.12
N LYS B 103 -24.61 8.39 16.99
CA LYS B 103 -24.48 7.59 15.78
C LYS B 103 -23.61 8.35 14.79
N LYS B 104 -22.54 7.70 14.32
CA LYS B 104 -21.62 8.38 13.44
C LYS B 104 -21.08 7.40 12.40
N ASP B 105 -20.99 7.87 11.16
CA ASP B 105 -20.30 7.13 10.11
C ASP B 105 -18.79 7.21 10.34
N TYR B 106 -18.15 6.05 10.48
CA TYR B 106 -16.69 5.96 10.50
C TYR B 106 -16.24 5.65 9.09
N GLU B 107 -15.59 6.62 8.44
CA GLU B 107 -15.21 6.40 7.05
C GLU B 107 -14.05 5.41 6.95
N ASP B 108 -13.90 4.83 5.76
CA ASP B 108 -12.74 3.99 5.43
C ASP B 108 -12.56 2.84 6.42
N MET B 109 -13.67 2.13 6.69
CA MET B 109 -13.63 1.03 7.64
C MET B 109 -13.64 -0.35 6.98
N VAL B 110 -14.22 -0.45 5.79
CA VAL B 110 -14.39 -1.73 5.12
C VAL B 110 -13.71 -1.65 3.77
N VAL B 111 -12.81 -2.61 3.50
CA VAL B 111 -12.18 -2.65 2.19
C VAL B 111 -13.21 -3.11 1.17
N GLU B 112 -13.41 -2.31 0.12
CA GLU B 112 -14.26 -2.71 -1.00
C GLU B 112 -13.48 -3.22 -2.19
N SER B 113 -12.27 -2.70 -2.40
CA SER B 113 -11.43 -3.17 -3.49
CA SER B 113 -11.43 -3.13 -3.50
C SER B 113 -9.98 -3.01 -3.09
N CYS B 114 -9.15 -3.91 -3.60
CA CYS B 114 -7.71 -3.89 -3.38
C CYS B 114 -7.02 -3.58 -4.70
N GLY B 115 -5.84 -2.98 -4.60
CA GLY B 115 -5.10 -2.68 -5.82
C GLY B 115 -3.67 -2.39 -5.49
N CYS B 116 -2.89 -2.11 -6.53
CA CYS B 116 -1.44 -2.01 -6.41
C CYS B 116 -1.03 -0.54 -6.49
N ARG B 117 -0.34 -0.07 -5.48
CA ARG B 117 -0.02 1.34 -5.37
C ARG B 117 1.43 1.57 -4.99
N GLN C 4 -9.52 3.48 -30.68
CA GLN C 4 -9.30 3.78 -29.26
C GLN C 4 -8.17 2.93 -28.71
N CYS C 5 -7.57 3.37 -27.60
CA CYS C 5 -6.54 2.57 -26.97
C CYS C 5 -7.19 1.38 -26.27
N ARG C 6 -6.81 0.18 -26.67
CA ARG C 6 -7.42 -1.04 -26.14
C ARG C 6 -6.37 -1.89 -25.42
N ILE C 7 -5.42 -1.24 -24.78
CA ILE C 7 -4.37 -1.96 -24.05
C ILE C 7 -4.98 -2.84 -22.97
N GLN C 8 -6.05 -2.39 -22.33
CA GLN C 8 -6.57 -3.18 -21.22
C GLN C 8 -7.14 -4.51 -21.68
N LYS C 9 -7.63 -4.58 -22.92
CA LYS C 9 -8.04 -5.86 -23.49
C LYS C 9 -6.84 -6.80 -23.59
N CYS C 10 -5.72 -6.29 -24.13
CA CYS C 10 -4.50 -7.10 -24.24
C CYS C 10 -4.06 -7.60 -22.87
N THR C 11 -4.06 -6.71 -21.89
CA THR C 11 -3.61 -7.10 -20.55
C THR C 11 -4.54 -8.11 -19.92
N THR C 12 -5.84 -7.87 -20.00
CA THR C 12 -6.81 -8.83 -19.48
C THR C 12 -6.58 -10.22 -20.04
N ASP C 13 -6.41 -10.31 -21.37
CA ASP C 13 -6.14 -11.59 -22.00
C ASP C 13 -4.88 -12.23 -21.43
N PHE C 14 -3.80 -11.45 -21.36
CA PHE C 14 -2.54 -12.00 -20.86
C PHE C 14 -2.70 -12.48 -19.43
N VAL C 15 -3.36 -11.67 -18.58
CA VAL C 15 -3.56 -12.05 -17.19
C VAL C 15 -4.47 -13.27 -17.10
N SER C 16 -5.56 -13.29 -17.87
CA SER C 16 -6.43 -14.46 -17.89
C SER C 16 -5.63 -15.71 -18.24
N LEU C 17 -4.82 -15.61 -19.28
CA LEU C 17 -4.11 -16.76 -19.83
C LEU C 17 -3.02 -17.27 -18.91
N THR C 18 -2.43 -16.40 -18.08
CA THR C 18 -1.34 -16.78 -17.19
C THR C 18 -1.76 -16.85 -15.73
N SER C 19 -3.03 -16.60 -15.41
CA SER C 19 -3.47 -16.52 -14.02
C SER C 19 -3.25 -17.83 -13.29
N HIS C 20 -3.37 -18.96 -13.99
CA HIS C 20 -3.17 -20.28 -13.40
C HIS C 20 -1.70 -20.63 -13.24
N LEU C 21 -0.79 -19.86 -13.82
CA LEU C 21 0.61 -20.23 -13.77
C LEU C 21 1.15 -20.04 -12.36
N ASN C 22 1.85 -21.06 -11.89
CA ASN C 22 2.52 -21.07 -10.60
C ASN C 22 3.99 -21.32 -10.89
N SER C 23 4.85 -20.35 -10.56
CA SER C 23 6.26 -20.42 -10.90
C SER C 23 6.91 -21.72 -10.45
N ALA C 24 6.36 -22.36 -9.42
CA ALA C 24 6.91 -23.60 -8.91
C ALA C 24 6.44 -24.83 -9.67
N VAL C 25 5.58 -24.67 -10.67
CA VAL C 25 5.08 -25.78 -11.46
C VAL C 25 5.88 -25.86 -12.76
N ASP C 26 5.91 -27.06 -13.35
CA ASP C 26 7.01 -27.50 -14.19
C ASP C 26 7.06 -26.88 -15.58
N GLY C 27 6.00 -26.23 -16.05
CA GLY C 27 6.02 -25.72 -17.41
C GLY C 27 5.86 -24.22 -17.54
N PHE C 28 6.28 -23.47 -16.51
CA PHE C 28 5.95 -22.05 -16.42
C PHE C 28 6.45 -21.27 -17.63
N ASP C 29 7.72 -21.47 -18.01
CA ASP C 29 8.33 -20.61 -19.02
C ASP C 29 7.72 -20.80 -20.40
N SER C 30 7.38 -22.05 -20.77
CA SER C 30 6.89 -22.27 -22.14
C SER C 30 5.50 -21.69 -22.33
N GLU C 31 4.60 -21.88 -21.36
CA GLU C 31 3.28 -21.25 -21.47
C GLU C 31 3.40 -19.74 -21.36
N PHE C 32 4.31 -19.27 -20.50
CA PHE C 32 4.49 -17.83 -20.31
C PHE C 32 4.93 -17.17 -21.61
N CYS C 33 5.89 -17.77 -22.33
CA CYS C 33 6.40 -17.16 -23.55
C CYS C 33 5.32 -17.07 -24.63
N LYS C 34 4.58 -18.15 -24.84
CA LYS C 34 3.45 -18.12 -25.77
C LYS C 34 2.50 -16.99 -25.40
N ALA C 35 2.16 -16.89 -24.12
CA ALA C 35 1.31 -15.80 -23.63
C ALA C 35 1.94 -14.44 -23.90
N LEU C 36 3.23 -14.30 -23.57
CA LEU C 36 3.91 -13.03 -23.80
C LEU C 36 3.91 -12.66 -25.28
N ARG C 37 4.16 -13.64 -26.16
CA ARG C 37 4.15 -13.36 -27.59
C ARG C 37 2.77 -12.85 -28.03
N ALA C 38 1.69 -13.45 -27.53
CA ALA C 38 0.36 -12.98 -27.90
C ALA C 38 0.11 -11.58 -27.34
N TYR C 39 0.61 -11.32 -26.13
CA TYR C 39 0.48 -10.01 -25.51
C TYR C 39 1.22 -8.96 -26.33
N ALA C 40 2.44 -9.29 -26.76
CA ALA C 40 3.20 -8.41 -27.65
C ALA C 40 2.42 -8.11 -28.94
N GLY C 41 1.88 -9.16 -29.57
CA GLY C 41 1.11 -8.94 -30.79
C GLY C 41 -0.12 -8.08 -30.55
N CYS C 42 -0.85 -8.34 -29.47
CA CYS C 42 -2.04 -7.54 -29.18
C CYS C 42 -1.67 -6.08 -28.95
N THR C 43 -0.63 -5.83 -28.15
CA THR C 43 -0.26 -4.44 -27.89
C THR C 43 0.21 -3.75 -29.16
N GLN C 44 0.89 -4.47 -30.05
CA GLN C 44 1.29 -3.87 -31.31
C GLN C 44 0.09 -3.48 -32.17
N ARG C 45 -1.01 -4.25 -32.10
CA ARG C 45 -2.15 -3.94 -32.93
C ARG C 45 -2.92 -2.70 -32.47
N THR C 46 -2.73 -2.25 -31.22
CA THR C 46 -3.37 -1.03 -30.77
C THR C 46 -2.36 0.10 -30.54
N SER C 47 -1.13 -0.06 -31.03
CA SER C 47 -0.05 0.89 -30.74
C SER C 47 -0.42 2.31 -31.12
N LYS C 48 -0.87 2.53 -32.36
CA LYS C 48 -1.12 3.89 -32.82
C LYS C 48 -2.12 4.61 -31.93
N ALA C 49 -3.23 3.93 -31.61
CA ALA C 49 -4.26 4.55 -30.77
C ALA C 49 -3.77 4.86 -29.37
N CYS C 50 -2.70 4.20 -28.91
CA CYS C 50 -2.31 4.27 -27.52
C CYS C 50 -1.13 5.21 -27.25
N ARG C 51 -0.61 5.89 -28.27
CA ARG C 51 0.54 6.75 -28.04
C ARG C 51 0.22 7.78 -26.97
N GLY C 52 1.13 7.95 -26.03
CA GLY C 52 0.92 8.83 -24.89
C GLY C 52 0.24 8.18 -23.71
N ASN C 53 -0.21 6.94 -23.84
CA ASN C 53 -0.88 6.22 -22.77
C ASN C 53 0.17 5.44 -21.99
N LEU C 54 0.44 5.87 -20.74
CA LEU C 54 1.51 5.25 -19.97
C LEU C 54 1.28 3.76 -19.75
N VAL C 55 0.03 3.33 -19.60
CA VAL C 55 -0.22 1.90 -19.45
C VAL C 55 0.25 1.16 -20.71
N TYR C 56 -0.04 1.71 -21.88
CA TYR C 56 0.42 1.07 -23.11
C TYR C 56 1.95 1.05 -23.20
N HIS C 57 2.60 2.22 -23.07
CA HIS C 57 4.04 2.23 -23.24
C HIS C 57 4.74 1.35 -22.22
N SER C 58 4.21 1.30 -20.99
CA SER C 58 4.80 0.43 -19.98
C SER C 58 4.62 -1.04 -20.36
N ALA C 59 3.44 -1.40 -20.86
CA ALA C 59 3.21 -2.77 -21.31
C ALA C 59 4.20 -3.16 -22.39
N VAL C 60 4.33 -2.33 -23.43
CA VAL C 60 5.24 -2.64 -24.54
C VAL C 60 6.63 -2.90 -24.01
N LEU C 61 7.13 -2.01 -23.16
CA LEU C 61 8.49 -2.16 -22.67
C LEU C 61 8.60 -3.33 -21.71
N GLY C 62 7.61 -3.48 -20.81
CA GLY C 62 7.64 -4.60 -19.89
C GLY C 62 7.64 -5.94 -20.60
N ILE C 63 6.80 -6.07 -21.63
CA ILE C 63 6.72 -7.30 -22.41
C ILE C 63 8.05 -7.57 -23.09
N SER C 64 8.57 -6.57 -23.80
CA SER C 64 9.85 -6.73 -24.48
C SER C 64 10.94 -7.15 -23.50
N ASP C 65 10.96 -6.52 -22.33
CA ASP C 65 11.99 -6.87 -21.35
C ASP C 65 11.82 -8.29 -20.86
N LEU C 66 10.59 -8.70 -20.55
CA LEU C 66 10.34 -10.06 -20.09
C LEU C 66 10.72 -11.07 -21.17
N MET C 67 10.35 -10.80 -22.42
CA MET C 67 10.73 -11.72 -23.48
C MET C 67 12.23 -11.82 -23.60
N SER C 68 12.96 -10.74 -23.34
CA SER C 68 14.41 -10.83 -23.30
C SER C 68 14.87 -11.60 -22.06
N GLN C 69 14.35 -11.23 -20.88
CA GLN C 69 14.74 -11.92 -19.65
C GLN C 69 14.54 -13.42 -19.76
N ARG C 70 13.39 -13.84 -20.30
CA ARG C 70 13.00 -15.25 -20.35
C ARG C 70 13.44 -15.95 -21.62
N ASN C 71 14.12 -15.26 -22.53
CA ASN C 71 14.58 -15.83 -23.80
C ASN C 71 13.42 -16.43 -24.59
N CYS C 72 12.32 -15.68 -24.68
CA CYS C 72 11.20 -16.02 -25.56
C CYS C 72 11.49 -15.47 -26.95
N SER C 73 11.53 -16.35 -27.95
CA SER C 73 11.81 -15.90 -29.31
C SER C 73 10.75 -14.89 -29.76
N LYS C 74 11.16 -14.00 -30.67
CA LYS C 74 10.26 -12.97 -31.17
C LYS C 74 9.06 -13.60 -31.85
N ASP C 75 9.29 -14.53 -32.77
CA ASP C 75 8.24 -15.33 -33.38
C ASP C 75 8.15 -16.67 -32.68
N GLY C 76 6.96 -17.26 -32.71
CA GLY C 76 6.72 -18.54 -32.10
C GLY C 76 5.24 -18.76 -31.84
N PRO C 77 4.87 -19.98 -31.43
CA PRO C 77 3.46 -20.26 -31.13
C PRO C 77 2.94 -19.35 -30.04
N THR C 78 1.61 -19.21 -30.00
CA THR C 78 0.96 -18.28 -29.07
C THR C 78 -0.04 -18.97 -28.13
N GLY D 3 -6.46 20.36 25.74
CA GLY D 3 -7.89 20.58 25.72
C GLY D 3 -8.67 19.59 24.85
N GLN D 4 -8.18 19.34 23.65
CA GLN D 4 -8.81 18.43 22.71
C GLN D 4 -8.13 17.06 22.79
N CYS D 5 -8.36 16.21 21.79
CA CYS D 5 -7.68 14.92 21.75
C CYS D 5 -6.24 15.14 21.35
N ARG D 6 -5.31 14.62 22.16
CA ARG D 6 -3.89 14.87 21.96
C ARG D 6 -3.11 13.57 21.88
N ILE D 7 -3.77 12.51 21.40
CA ILE D 7 -3.11 11.22 21.25
C ILE D 7 -1.91 11.31 20.31
N GLN D 8 -1.97 12.20 19.31
CA GLN D 8 -0.87 12.27 18.36
C GLN D 8 0.41 12.70 19.03
N LYS D 9 0.32 13.59 20.02
CA LYS D 9 1.50 13.97 20.80
C LYS D 9 2.08 12.77 21.53
N CYS D 10 1.20 11.95 22.15
CA CYS D 10 1.69 10.77 22.86
C CYS D 10 2.41 9.84 21.90
N THR D 11 1.80 9.60 20.74
CA THR D 11 2.39 8.70 19.78
C THR D 11 3.70 9.23 19.26
N THR D 12 3.73 10.51 18.88
CA THR D 12 4.97 11.14 18.41
C THR D 12 6.09 10.96 19.42
N ASP D 13 5.80 11.21 20.72
CA ASP D 13 6.82 11.03 21.75
C ASP D 13 7.29 9.59 21.79
N PHE D 14 6.36 8.63 21.75
CA PHE D 14 6.75 7.24 21.82
C PHE D 14 7.62 6.85 20.62
N VAL D 15 7.22 7.28 19.42
CA VAL D 15 7.99 6.95 18.23
C VAL D 15 9.35 7.64 18.26
N SER D 16 9.38 8.91 18.66
CA SER D 16 10.66 9.62 18.76
C SER D 16 11.60 8.91 19.72
N LEU D 17 11.07 8.45 20.85
CA LEU D 17 11.88 7.86 21.91
C LEU D 17 12.38 6.47 21.57
N THR D 18 11.67 5.72 20.71
CA THR D 18 12.00 4.32 20.47
C THR D 18 12.49 4.01 19.06
N SER D 19 12.45 4.96 18.13
CA SER D 19 12.71 4.63 16.73
C SER D 19 14.08 4.00 16.52
N HIS D 20 15.08 4.44 17.30
CA HIS D 20 16.44 3.92 17.19
C HIS D 20 16.61 2.55 17.82
N LEU D 21 15.69 2.14 18.69
CA LEU D 21 15.89 0.93 19.48
C LEU D 21 15.99 -0.29 18.59
N ASN D 22 16.98 -1.14 18.87
CA ASN D 22 17.24 -2.34 18.10
C ASN D 22 17.50 -3.48 19.07
N SER D 23 16.78 -4.60 18.87
CA SER D 23 16.86 -5.72 19.80
C SER D 23 18.24 -6.36 19.88
N ALA D 24 19.16 -5.99 18.99
CA ALA D 24 20.52 -6.52 19.06
C ALA D 24 21.34 -5.89 20.17
N VAL D 25 20.89 -4.76 20.73
CA VAL D 25 21.63 -4.07 21.77
C VAL D 25 21.07 -4.49 23.13
N ASP D 26 21.90 -4.34 24.17
CA ASP D 26 21.62 -4.84 25.51
C ASP D 26 20.27 -4.39 26.06
N GLY D 27 20.12 -3.09 26.33
CA GLY D 27 18.97 -2.61 27.08
C GLY D 27 17.73 -2.29 26.26
N PHE D 28 17.53 -2.98 25.14
CA PHE D 28 16.36 -2.73 24.31
C PHE D 28 15.07 -2.82 25.13
N ASP D 29 14.85 -3.98 25.78
CA ASP D 29 13.57 -4.24 26.40
C ASP D 29 13.27 -3.28 27.55
N SER D 30 14.30 -2.90 28.32
CA SER D 30 14.06 -1.96 29.43
C SER D 30 13.69 -0.58 28.91
N GLU D 31 14.48 -0.05 27.98
CA GLU D 31 14.17 1.25 27.38
C GLU D 31 12.81 1.21 26.70
N PHE D 32 12.50 0.11 26.01
CA PHE D 32 11.21 0.00 25.36
C PHE D 32 10.08 0.02 26.37
N CYS D 33 10.22 -0.73 27.45
CA CYS D 33 9.18 -0.77 28.48
C CYS D 33 9.02 0.58 29.16
N LYS D 34 10.12 1.30 29.37
CA LYS D 34 10.01 2.64 29.92
C LYS D 34 9.21 3.54 29.00
N ALA D 35 9.52 3.51 27.69
CA ALA D 35 8.77 4.32 26.74
C ALA D 35 7.31 3.89 26.67
N LEU D 36 7.05 2.59 26.80
CA LEU D 36 5.69 2.10 26.74
C LEU D 36 4.88 2.60 27.93
N ARG D 37 5.47 2.54 29.12
CA ARG D 37 4.77 3.04 30.30
C ARG D 37 4.46 4.52 30.14
N ALA D 38 5.43 5.29 29.62
CA ALA D 38 5.18 6.73 29.40
C ALA D 38 4.08 6.93 28.38
N TYR D 39 4.06 6.11 27.32
CA TYR D 39 3.03 6.18 26.31
C TYR D 39 1.67 5.83 26.90
N ALA D 40 1.61 4.76 27.68
CA ALA D 40 0.37 4.42 28.37
C ALA D 40 -0.11 5.59 29.23
N GLY D 41 0.81 6.23 29.96
CA GLY D 41 0.40 7.31 30.85
C GLY D 41 -0.12 8.50 30.06
N CYS D 42 0.59 8.87 29.00
CA CYS D 42 0.16 10.00 28.17
C CYS D 42 -1.21 9.73 27.55
N THR D 43 -1.44 8.51 27.07
CA THR D 43 -2.73 8.21 26.45
C THR D 43 -3.85 8.22 27.49
N GLN D 44 -3.57 7.70 28.68
CA GLN D 44 -4.56 7.70 29.76
C GLN D 44 -5.05 9.11 30.08
N ARG D 45 -4.14 10.08 30.08
CA ARG D 45 -4.48 11.44 30.50
C ARG D 45 -5.30 12.21 29.46
N THR D 46 -5.44 11.69 28.25
CA THR D 46 -6.28 12.31 27.23
C THR D 46 -7.47 11.43 26.87
N SER D 47 -7.84 10.50 27.75
CA SER D 47 -8.85 9.49 27.41
C SER D 47 -10.19 10.12 27.05
N LYS D 48 -10.65 11.07 27.86
CA LYS D 48 -11.99 11.63 27.68
C LYS D 48 -12.11 12.39 26.36
N ALA D 49 -11.18 13.32 26.11
CA ALA D 49 -11.23 14.10 24.88
C ALA D 49 -11.17 13.22 23.64
N CYS D 50 -10.55 12.06 23.74
CA CYS D 50 -10.30 11.21 22.58
C CYS D 50 -11.35 10.14 22.36
N ARG D 51 -12.38 10.10 23.21
CA ARG D 51 -13.43 9.10 23.09
C ARG D 51 -13.96 9.03 21.66
N GLY D 52 -13.97 7.82 21.10
CA GLY D 52 -14.46 7.59 19.76
C GLY D 52 -13.41 7.72 18.66
N ASN D 53 -12.22 8.21 18.98
CA ASN D 53 -11.12 8.31 18.02
C ASN D 53 -10.42 6.97 17.95
N LEU D 54 -10.52 6.30 16.81
CA LEU D 54 -9.92 4.96 16.70
C LEU D 54 -8.42 5.00 16.90
N VAL D 55 -7.77 6.09 16.53
CA VAL D 55 -6.33 6.21 16.81
C VAL D 55 -6.10 6.11 18.31
N TYR D 56 -6.93 6.80 19.10
CA TYR D 56 -6.79 6.71 20.55
C TYR D 56 -7.09 5.30 21.05
N HIS D 57 -8.23 4.73 20.66
CA HIS D 57 -8.60 3.46 21.26
C HIS D 57 -7.63 2.37 20.86
N SER D 58 -7.14 2.42 19.61
N SER D 58 -7.13 2.41 19.62
CA SER D 58 -6.15 1.45 19.16
CA SER D 58 -6.16 1.40 19.22
C SER D 58 -4.84 1.61 19.92
C SER D 58 -4.82 1.60 19.92
N ALA D 59 -4.43 2.85 20.16
CA ALA D 59 -3.23 3.10 20.96
C ALA D 59 -3.34 2.44 22.33
N VAL D 60 -4.44 2.70 23.04
CA VAL D 60 -4.64 2.15 24.37
C VAL D 60 -4.51 0.63 24.35
N LEU D 61 -5.20 -0.02 23.42
CA LEU D 61 -5.19 -1.47 23.38
C LEU D 61 -3.84 -2.00 22.91
N GLY D 62 -3.28 -1.40 21.84
CA GLY D 62 -1.98 -1.84 21.37
C GLY D 62 -0.89 -1.65 22.40
N ILE D 63 -0.96 -0.57 23.18
CA ILE D 63 0.00 -0.37 24.27
C ILE D 63 -0.13 -1.48 25.29
N SER D 64 -1.37 -1.72 25.76
CA SER D 64 -1.59 -2.78 26.75
C SER D 64 -1.10 -4.12 26.23
N ASP D 65 -1.36 -4.40 24.94
CA ASP D 65 -0.93 -5.67 24.38
C ASP D 65 0.58 -5.76 24.29
N LEU D 66 1.23 -4.68 23.84
CA LEU D 66 2.69 -4.69 23.77
C LEU D 66 3.32 -4.84 25.15
N MET D 67 2.74 -4.20 26.16
CA MET D 67 3.29 -4.34 27.50
C MET D 67 3.17 -5.78 27.97
N SER D 68 2.07 -6.46 27.63
CA SER D 68 1.95 -7.88 27.92
C SER D 68 2.98 -8.67 27.14
N GLN D 69 3.12 -8.39 25.83
CA GLN D 69 4.03 -9.16 24.99
C GLN D 69 5.48 -9.00 25.44
N ARG D 70 5.90 -7.77 25.76
CA ARG D 70 7.27 -7.51 26.16
C ARG D 70 7.49 -7.64 27.67
N ASN D 71 6.47 -8.04 28.42
CA ASN D 71 6.59 -8.28 29.86
C ASN D 71 6.98 -7.02 30.62
N CYS D 72 6.44 -5.88 30.21
CA CYS D 72 6.68 -4.64 30.94
C CYS D 72 5.74 -4.57 32.12
N SER D 73 6.30 -4.37 33.31
CA SER D 73 5.44 -4.12 34.47
C SER D 73 4.61 -2.88 34.22
N LYS D 74 3.35 -2.91 34.65
CA LYS D 74 2.49 -1.74 34.51
C LYS D 74 3.01 -0.58 35.34
N ASP D 75 3.56 -0.87 36.51
CA ASP D 75 4.24 0.12 37.33
C ASP D 75 5.75 -0.04 37.17
N GLY D 76 6.45 1.08 37.12
CA GLY D 76 7.89 1.08 36.90
C GLY D 76 8.35 2.42 36.35
N PRO D 77 9.65 2.57 36.13
CA PRO D 77 10.18 3.85 35.66
C PRO D 77 9.83 4.10 34.20
N THR D 78 9.94 5.37 33.81
CA THR D 78 9.65 5.79 32.45
C THR D 78 10.87 6.44 31.80
#